data_5LCU
#
_entry.id   5LCU
#
_cell.length_a   58.490
_cell.length_b   72.963
_cell.length_c   109.428
_cell.angle_alpha   90.00
_cell.angle_beta   90.00
_cell.angle_gamma   90.00
#
_symmetry.space_group_name_H-M   'P 21 21 21'
#
loop_
_entity.id
_entity.type
_entity.pdbx_description
1 polymer 'cAMP-dependent protein kinase catalytic subunit alpha'
2 polymer 'cAMP-dependent protein kinase inhibitor alpha'
3 non-polymer 1-(5-ISOQUINOLINESULFONYL)-2-METHYLPIPERAZINE
4 non-polymer METHANOL
5 non-polymer (4S)-2-METHYL-2,4-PENTANEDIOL
6 water water
#
loop_
_entity_poly.entity_id
_entity_poly.type
_entity_poly.pdbx_seq_one_letter_code
_entity_poly.pdbx_strand_id
1 'polypeptide(L)'
;GHMGNAAAAKKG(SEP)EQESVKEFLAKAKEEFLKKWESPSQNTAQLDHFDRIKTLGTGSFGRVMLVKHKETGNHYAMKI
LDKQKVVKLKQIEHTLNEKRILQAVNFPFLVKLEFSFKDNSNLYMVMEYVPGGEMFSHLRRIGRFSEPHARFYAAQIVLT
FEYLHSLDLIYRDLKPENLLIDQQGYIQVTDFGFAKRVKGRTW(TPO)LCGTPEYLAPEIILSKGYNKAVDWWALGVLIY
EMAAGYPPFFADQPIQIYEKIVSGKVRFPSHFSSDLKDLLRNLLQVDLTKRFGNLKNGVNDIKNHKWFATTDWIAIYQRK
VEAPFIPKFKGPGDTSNFDDYEEEEIRV(SEP)INEKCGKEFTEF
;
A
2 'polypeptide(L)' TTYADFIASGRTGRRNAIHD B
#
loop_
_chem_comp.id
_chem_comp.type
_chem_comp.name
_chem_comp.formula
IQP non-polymer 1-(5-ISOQUINOLINESULFONYL)-2-METHYLPIPERAZINE 'C14 H17 N3 O2 S'
MOH non-polymer METHANOL 'C H4 O'
MPD non-polymer (4S)-2-METHYL-2,4-PENTANEDIOL 'C6 H14 O2'
#
# COMPACT_ATOMS: atom_id res chain seq x y z
N GLY A 1 33.01 -2.88 -18.72
CA GLY A 1 31.92 -2.56 -17.75
C GLY A 1 30.74 -3.47 -17.95
N HIS A 2 29.66 -3.22 -17.22
CA HIS A 2 28.51 -4.07 -17.37
C HIS A 2 27.65 -3.71 -18.56
N MET A 3 27.72 -2.47 -19.02
CA MET A 3 26.93 -2.03 -20.16
C MET A 3 27.84 -1.48 -21.23
N GLY A 4 27.55 -1.84 -22.48
CA GLY A 4 28.13 -1.19 -23.61
C GLY A 4 27.50 0.18 -23.79
N ASN A 5 27.92 0.86 -24.85
CA ASN A 5 27.55 2.26 -25.05
C ASN A 5 26.04 2.40 -25.20
N ALA A 6 25.45 1.58 -26.06
CA ALA A 6 24.01 1.69 -26.35
C ALA A 6 23.19 1.49 -25.10
N ALA A 7 23.47 0.43 -24.36
CA ALA A 7 22.69 0.15 -23.16
C ALA A 7 22.91 1.23 -22.12
N ALA A 8 24.14 1.71 -21.96
CA ALA A 8 24.39 2.75 -20.96
C ALA A 8 23.67 4.04 -21.31
N ALA A 9 23.70 4.45 -22.58
CA ALA A 9 23.00 5.67 -22.97
C ALA A 9 21.50 5.52 -22.82
N LYS A 10 20.97 4.34 -23.14
CA LYS A 10 19.54 4.10 -22.99
C LYS A 10 19.13 4.19 -21.53
N LYS A 11 19.89 3.53 -20.65
CA LYS A 11 19.59 3.60 -19.22
C LYS A 11 19.68 5.03 -18.69
N GLY A 12 20.71 5.76 -19.08
CA GLY A 12 20.86 7.13 -18.63
C GLY A 12 19.69 8.00 -19.07
N SEP A 13 19.28 7.85 -20.32
CA SEP A 13 18.15 8.62 -20.81
CB SEP A 13 17.99 8.39 -22.31
OG SEP A 13 16.72 8.84 -22.73
C SEP A 13 16.87 8.28 -20.07
O SEP A 13 16.09 9.17 -19.69
P SEP A 13 16.67 9.47 -24.21
O1P SEP A 13 15.12 9.73 -24.47
O2P SEP A 13 17.29 8.41 -25.24
O3P SEP A 13 17.61 10.75 -24.20
H SEP A 13 19.62 7.30 -20.89
HA SEP A 13 18.34 9.57 -20.67
HB2 SEP A 13 18.07 7.44 -22.50
HB3 SEP A 13 18.67 8.89 -22.79
N GLU A 14 16.66 6.98 -19.83
CA GLU A 14 15.50 6.54 -19.07
C GLU A 14 15.48 7.15 -17.67
N GLN A 15 16.64 7.19 -17.01
CA GLN A 15 16.71 7.74 -15.66
C GLN A 15 16.49 9.25 -15.66
N GLU A 16 16.97 9.93 -16.69
CA GLU A 16 16.68 11.35 -16.79
C GLU A 16 15.19 11.59 -17.02
N SER A 17 14.55 10.75 -17.83
CA SER A 17 13.13 10.92 -18.12
C SER A 17 12.30 10.73 -16.86
N VAL A 18 12.69 9.80 -15.99
CA VAL A 18 12.01 9.67 -14.70
C VAL A 18 12.04 11.00 -13.96
N LYS A 19 13.21 11.64 -13.93
CA LYS A 19 13.34 12.90 -13.20
C LYS A 19 12.35 13.92 -13.74
N GLU A 20 12.21 13.94 -15.06
CA GLU A 20 11.34 14.92 -15.70
C GLU A 20 9.88 14.63 -15.38
N PHE A 21 9.51 13.35 -15.41
CA PHE A 21 8.17 12.91 -15.04
C PHE A 21 7.84 13.31 -13.62
N LEU A 22 8.77 13.02 -12.71
CA LEU A 22 8.52 13.30 -11.30
C LEU A 22 8.43 14.79 -11.02
N ALA A 23 9.21 15.59 -11.74
CA ALA A 23 9.13 17.04 -11.55
C ALA A 23 7.73 17.53 -11.92
N LYS A 24 7.20 17.07 -13.03
CA LYS A 24 5.84 17.45 -13.40
C LYS A 24 4.82 16.90 -12.39
N ALA A 25 5.02 15.67 -11.93
CA ALA A 25 4.05 15.08 -11.01
C ALA A 25 4.01 15.84 -9.70
N LYS A 26 5.16 16.31 -9.23
CA LYS A 26 5.20 17.09 -8.00
C LYS A 26 4.41 18.38 -8.16
N GLU A 27 4.58 19.08 -9.28
CA GLU A 27 3.84 20.30 -9.52
C GLU A 27 2.34 20.04 -9.50
N GLU A 28 1.91 18.95 -10.15
CA GLU A 28 0.48 18.61 -10.17
C GLU A 28 -0.02 18.29 -8.76
N PHE A 29 0.76 17.53 -8.00
CA PHE A 29 0.37 17.15 -6.65
C PHE A 29 0.24 18.39 -5.76
N LEU A 30 1.22 19.29 -5.82
CA LEU A 30 1.20 20.42 -4.91
C LEU A 30 -0.01 21.31 -5.18
N LYS A 31 -0.47 21.40 -6.42
CA LYS A 31 -1.65 22.22 -6.68
C LYS A 31 -2.87 21.65 -5.95
N LYS A 32 -3.07 20.33 -6.06
CA LYS A 32 -4.22 19.68 -5.42
C LYS A 32 -4.03 19.62 -3.90
N TRP A 33 -2.79 19.40 -3.46
CA TRP A 33 -2.48 19.41 -2.04
C TRP A 33 -2.90 20.73 -1.41
N GLU A 34 -2.68 21.84 -2.11
CA GLU A 34 -2.86 23.15 -1.52
C GLU A 34 -4.29 23.64 -1.60
N SER A 35 -5.07 23.11 -2.54
CA SER A 35 -6.49 23.46 -2.69
C SER A 35 -7.27 22.17 -2.87
N PRO A 36 -7.54 21.45 -1.78
CA PRO A 36 -8.21 20.15 -1.91
C PRO A 36 -9.66 20.27 -2.35
N SER A 37 -10.12 19.24 -3.07
CA SER A 37 -11.52 19.13 -3.41
C SER A 37 -12.32 18.67 -2.20
N GLN A 38 -13.56 19.15 -2.11
CA GLN A 38 -14.46 18.78 -1.03
C GLN A 38 -15.88 18.67 -1.57
N ASN A 39 -16.67 17.83 -0.90
CA ASN A 39 -18.14 17.86 -1.01
C ASN A 39 -18.58 17.66 -2.46
N THR A 40 -18.11 16.59 -3.07
CA THR A 40 -18.36 16.33 -4.48
C THR A 40 -19.48 15.35 -4.74
N ALA A 41 -20.18 14.89 -3.69
CA ALA A 41 -21.40 14.09 -3.87
C ALA A 41 -22.17 14.07 -2.55
N GLN A 42 -23.23 13.26 -2.48
CA GLN A 42 -23.99 13.12 -1.25
C GLN A 42 -24.46 11.67 -1.11
N LEU A 43 -24.87 11.32 0.12
CA LEU A 43 -25.15 9.91 0.42
C LEU A 43 -26.27 9.35 -0.43
N ASP A 44 -27.32 10.13 -0.67
CA ASP A 44 -28.45 9.58 -1.41
C ASP A 44 -28.19 9.45 -2.91
N HIS A 45 -26.97 9.79 -3.37
CA HIS A 45 -26.57 9.45 -4.73
C HIS A 45 -26.24 7.98 -4.90
N PHE A 46 -26.19 7.20 -3.81
CA PHE A 46 -25.67 5.85 -3.84
C PHE A 46 -26.62 4.90 -3.12
N ASP A 47 -26.74 3.68 -3.65
CA ASP A 47 -27.33 2.57 -2.93
C ASP A 47 -26.25 1.75 -2.26
N ARG A 48 -26.44 1.43 -0.98
CA ARG A 48 -25.47 0.63 -0.25
C ARG A 48 -25.79 -0.84 -0.49
N ILE A 49 -24.79 -1.60 -0.94
CA ILE A 49 -24.96 -2.99 -1.35
C ILE A 49 -24.43 -3.98 -0.29
N LYS A 50 -23.16 -3.88 0.06
CA LYS A 50 -22.53 -4.90 0.90
C LYS A 50 -21.26 -4.38 1.55
N THR A 51 -21.01 -4.79 2.79
CA THR A 51 -19.75 -4.45 3.45
C THR A 51 -18.64 -5.31 2.87
N LEU A 52 -17.60 -4.65 2.36
CA LEU A 52 -16.42 -5.28 1.80
C LEU A 52 -15.29 -5.46 2.80
N GLY A 53 -15.23 -4.61 3.81
CA GLY A 53 -14.11 -4.58 4.72
C GLY A 53 -14.50 -3.80 5.96
N THR A 54 -13.87 -4.14 7.08
CA THR A 54 -14.15 -3.49 8.34
C THR A 54 -12.86 -3.29 9.10
N GLY A 55 -12.96 -2.55 10.18
CA GLY A 55 -11.81 -2.30 11.04
C GLY A 55 -12.19 -1.27 12.07
N SER A 56 -11.22 -0.92 12.90
CA SER A 56 -11.43 0.14 13.85
C SER A 56 -11.75 1.45 13.14
N PHE A 57 -11.27 1.60 11.90
CA PHE A 57 -11.56 2.82 11.14
C PHE A 57 -13.05 2.98 10.88
N GLY A 58 -13.77 1.88 10.76
CA GLY A 58 -15.16 1.92 10.35
C GLY A 58 -15.40 0.79 9.40
N ARG A 59 -16.02 1.07 8.26
CA ARG A 59 -16.22 0.04 7.26
C ARG A 59 -16.09 0.64 5.87
N VAL A 60 -15.91 -0.25 4.91
CA VAL A 60 -15.93 0.05 3.50
C VAL A 60 -17.06 -0.76 2.88
N MET A 61 -17.97 -0.08 2.19
CA MET A 61 -19.11 -0.73 1.58
C MET A 61 -19.05 -0.62 0.07
N LEU A 62 -19.46 -1.68 -0.60
CA LEU A 62 -19.74 -1.59 -2.02
C LEU A 62 -21.02 -0.79 -2.18
N VAL A 63 -20.96 0.23 -3.02
CA VAL A 63 -22.12 1.07 -3.30
C VAL A 63 -22.30 1.15 -4.81
N LYS A 64 -23.50 1.48 -5.22
CA LYS A 64 -23.81 1.71 -6.62
C LYS A 64 -24.34 3.13 -6.77
N HIS A 65 -23.77 3.87 -7.70
CA HIS A 65 -24.22 5.23 -7.97
C HIS A 65 -25.53 5.17 -8.73
N LYS A 66 -26.55 5.83 -8.22
CA LYS A 66 -27.91 5.61 -8.72
C LYS A 66 -28.06 6.06 -10.17
N GLU A 67 -27.50 7.23 -10.51
CA GLU A 67 -27.63 7.78 -11.86
C GLU A 67 -26.88 6.93 -12.87
N THR A 68 -25.61 6.64 -12.62
CA THR A 68 -24.73 6.04 -13.62
C THR A 68 -24.70 4.54 -13.55
N GLY A 69 -25.06 3.95 -12.41
CA GLY A 69 -24.99 2.53 -12.23
C GLY A 69 -23.60 2.03 -11.89
N ASN A 70 -22.64 2.94 -11.72
CA ASN A 70 -21.27 2.53 -11.47
C ASN A 70 -21.08 2.18 -10.00
N HIS A 71 -20.29 1.15 -9.78
CA HIS A 71 -19.99 0.68 -8.43
C HIS A 71 -18.76 1.39 -7.91
N TYR A 72 -18.74 1.58 -6.59
CA TYR A 72 -17.64 2.25 -5.89
C TYR A 72 -17.47 1.58 -4.54
N ALA A 73 -16.34 1.84 -3.89
CA ALA A 73 -16.08 1.39 -2.54
C ALA A 73 -16.15 2.61 -1.63
N MET A 74 -17.12 2.62 -0.72
CA MET A 74 -17.37 3.78 0.12
C MET A 74 -16.87 3.50 1.53
N LYS A 75 -15.82 4.23 1.93
CA LYS A 75 -15.34 4.15 3.30
C LYS A 75 -16.15 5.11 4.17
N ILE A 76 -16.68 4.57 5.26
CA ILE A 76 -17.56 5.28 6.17
C ILE A 76 -16.90 5.32 7.52
N LEU A 77 -16.65 6.52 8.01
CA LEU A 77 -16.07 6.72 9.33
C LEU A 77 -17.03 7.48 10.22
N ASP A 78 -17.15 7.00 11.46
N ASP A 78 -17.19 6.99 11.44
CA ASP A 78 -17.99 7.66 12.45
CA ASP A 78 -18.02 7.68 12.43
C ASP A 78 -17.19 8.78 13.11
C ASP A 78 -17.18 8.77 13.07
N LYS A 79 -17.61 10.03 12.90
CA LYS A 79 -16.82 11.15 13.38
C LYS A 79 -16.54 11.03 14.87
N GLN A 80 -17.54 10.63 15.66
CA GLN A 80 -17.32 10.53 17.10
C GLN A 80 -16.32 9.41 17.42
N LYS A 81 -16.35 8.30 16.67
CA LYS A 81 -15.39 7.23 16.92
C LYS A 81 -13.98 7.65 16.55
N VAL A 82 -13.82 8.39 15.46
CA VAL A 82 -12.50 8.85 15.05
C VAL A 82 -11.91 9.71 16.15
N VAL A 83 -12.69 10.66 16.67
CA VAL A 83 -12.23 11.52 17.76
C VAL A 83 -11.80 10.68 18.95
N LYS A 84 -12.62 9.70 19.32
CA LYS A 84 -12.34 8.91 20.51
C LYS A 84 -11.04 8.13 20.36
N LEU A 85 -10.77 7.63 19.16
CA LEU A 85 -9.57 6.86 18.90
C LEU A 85 -8.38 7.73 18.56
N LYS A 86 -8.50 9.05 18.70
CA LYS A 86 -7.38 9.98 18.45
C LYS A 86 -6.88 9.90 17.02
N GLN A 87 -7.80 9.83 16.06
CA GLN A 87 -7.42 9.66 14.66
C GLN A 87 -7.87 10.83 13.79
N ILE A 88 -8.12 12.01 14.37
CA ILE A 88 -8.56 13.15 13.57
C ILE A 88 -7.52 13.49 12.50
N GLU A 89 -6.27 13.70 12.92
CA GLU A 89 -5.25 14.13 11.98
C GLU A 89 -5.04 13.08 10.90
N HIS A 90 -4.93 11.81 11.29
CA HIS A 90 -4.73 10.72 10.33
C HIS A 90 -5.86 10.66 9.32
N THR A 91 -7.09 10.87 9.78
CA THR A 91 -8.25 10.77 8.89
C THR A 91 -8.29 11.95 7.92
N LEU A 92 -8.05 13.17 8.42
CA LEU A 92 -7.95 14.31 7.51
C LEU A 92 -6.82 14.12 6.52
N ASN A 93 -5.67 13.64 6.99
CA ASN A 93 -4.50 13.46 6.14
C ASN A 93 -4.76 12.43 5.06
N GLU A 94 -5.38 11.31 5.42
CA GLU A 94 -5.66 10.28 4.42
C GLU A 94 -6.46 10.83 3.25
N LYS A 95 -7.53 11.57 3.54
CA LYS A 95 -8.35 12.11 2.47
C LYS A 95 -7.60 13.18 1.69
N ARG A 96 -6.80 13.98 2.39
CA ARG A 96 -6.04 15.01 1.70
C ARG A 96 -5.03 14.40 0.75
N ILE A 97 -4.35 13.34 1.19
CA ILE A 97 -3.42 12.66 0.28
C ILE A 97 -4.16 12.08 -0.91
N LEU A 98 -5.24 11.34 -0.64
CA LEU A 98 -5.94 10.63 -1.70
C LEU A 98 -6.45 11.57 -2.78
N GLN A 99 -6.95 12.73 -2.39
CA GLN A 99 -7.47 13.63 -3.41
C GLN A 99 -6.36 14.37 -4.15
N ALA A 100 -5.12 14.32 -3.66
CA ALA A 100 -4.01 15.03 -4.28
C ALA A 100 -3.11 14.16 -5.15
N VAL A 101 -3.04 12.85 -4.89
CA VAL A 101 -2.10 12.03 -5.65
C VAL A 101 -2.75 11.58 -6.95
N ASN A 102 -1.92 11.07 -7.87
CA ASN A 102 -2.40 10.57 -9.15
C ASN A 102 -1.33 9.62 -9.67
N PHE A 103 -1.64 8.34 -9.67
CA PHE A 103 -0.69 7.33 -10.14
C PHE A 103 -1.49 6.06 -10.43
N PRO A 104 -1.09 5.27 -11.44
CA PRO A 104 -1.95 4.18 -11.89
C PRO A 104 -2.16 3.08 -10.87
N PHE A 105 -1.30 2.98 -9.85
CA PHE A 105 -1.42 1.97 -8.83
C PHE A 105 -1.88 2.53 -7.48
N LEU A 106 -2.33 3.79 -7.45
CA LEU A 106 -2.94 4.38 -6.26
C LEU A 106 -4.44 4.53 -6.49
N VAL A 107 -5.24 4.04 -5.55
CA VAL A 107 -6.69 4.09 -5.73
C VAL A 107 -7.14 5.54 -5.86
N LYS A 108 -8.16 5.76 -6.69
CA LYS A 108 -8.67 7.11 -6.94
C LYS A 108 -9.88 7.40 -6.07
N LEU A 109 -9.84 8.55 -5.43
CA LEU A 109 -10.98 9.04 -4.68
C LEU A 109 -11.89 9.73 -5.68
N GLU A 110 -13.04 9.12 -5.97
CA GLU A 110 -13.95 9.65 -6.96
C GLU A 110 -14.89 10.71 -6.39
N PHE A 111 -15.25 10.58 -5.11
CA PHE A 111 -16.05 11.57 -4.41
C PHE A 111 -15.70 11.54 -2.93
N SER A 112 -16.02 12.65 -2.25
CA SER A 112 -15.99 12.65 -0.80
C SER A 112 -17.02 13.66 -0.32
N PHE A 113 -17.53 13.42 0.88
CA PHE A 113 -18.50 14.30 1.51
C PHE A 113 -18.65 13.86 2.96
N LYS A 114 -19.42 14.65 3.72
CA LYS A 114 -19.71 14.36 5.12
C LYS A 114 -21.15 14.74 5.41
N ASP A 115 -21.66 14.23 6.52
CA ASP A 115 -22.98 14.60 7.02
C ASP A 115 -22.86 14.77 8.53
N ASN A 116 -24.01 14.89 9.20
CA ASN A 116 -23.99 15.18 10.63
C ASN A 116 -23.16 14.16 11.41
N SER A 117 -23.13 12.91 10.97
CA SER A 117 -22.55 11.84 11.77
C SER A 117 -21.28 11.26 11.20
N ASN A 118 -21.14 11.22 9.88
CA ASN A 118 -20.12 10.40 9.26
C ASN A 118 -19.31 11.19 8.25
N LEU A 119 -18.13 10.62 7.96
CA LEU A 119 -17.28 11.02 6.84
C LEU A 119 -17.34 9.92 5.80
N TYR A 120 -17.32 10.30 4.53
CA TYR A 120 -17.42 9.35 3.43
C TYR A 120 -16.32 9.59 2.42
N MET A 121 -15.56 8.55 2.12
CA MET A 121 -14.64 8.58 1.00
C MET A 121 -15.10 7.52 0.00
N VAL A 122 -15.40 7.97 -1.20
CA VAL A 122 -15.92 7.08 -2.24
C VAL A 122 -14.79 6.85 -3.22
N MET A 123 -14.28 5.63 -3.22
CA MET A 123 -13.13 5.29 -4.03
C MET A 123 -13.59 4.37 -5.15
N GLU A 124 -12.74 4.24 -6.16
CA GLU A 124 -13.05 3.24 -7.16
C GLU A 124 -13.08 1.88 -6.48
N TYR A 125 -13.96 1.03 -6.98
CA TYR A 125 -14.11 -0.33 -6.48
C TYR A 125 -13.09 -1.21 -7.17
N VAL A 126 -12.26 -1.87 -6.38
CA VAL A 126 -11.19 -2.70 -6.89
C VAL A 126 -11.64 -4.12 -6.63
N PRO A 127 -12.10 -4.85 -7.65
CA PRO A 127 -12.92 -6.03 -7.38
C PRO A 127 -12.14 -7.30 -7.08
N GLY A 128 -10.81 -7.29 -7.24
CA GLY A 128 -10.07 -8.53 -7.07
C GLY A 128 -9.77 -8.88 -5.63
N GLY A 129 -10.04 -8.00 -4.69
CA GLY A 129 -9.76 -8.31 -3.31
C GLY A 129 -8.31 -8.11 -2.96
N GLU A 130 -8.01 -8.42 -1.70
CA GLU A 130 -6.67 -8.25 -1.14
C GLU A 130 -5.70 -9.28 -1.70
N MET A 131 -4.50 -8.82 -2.03
CA MET A 131 -3.43 -9.74 -2.36
C MET A 131 -3.32 -10.82 -1.30
N PHE A 132 -3.50 -10.44 -0.03
CA PHE A 132 -3.34 -11.38 1.08
C PHE A 132 -4.09 -12.69 0.83
N SER A 133 -5.37 -12.60 0.47
N SER A 133 -5.36 -12.59 0.44
CA SER A 133 -6.19 -13.78 0.24
CA SER A 133 -6.20 -13.78 0.26
C SER A 133 -5.61 -14.65 -0.85
C SER A 133 -5.68 -14.66 -0.87
N HIS A 134 -5.25 -14.04 -1.97
CA HIS A 134 -4.72 -14.81 -3.08
C HIS A 134 -3.41 -15.47 -2.70
N LEU A 135 -2.57 -14.74 -1.97
CA LEU A 135 -1.30 -15.29 -1.53
C LEU A 135 -1.51 -16.49 -0.63
N ARG A 136 -2.44 -16.38 0.33
CA ARG A 136 -2.61 -17.49 1.27
C ARG A 136 -3.23 -18.69 0.58
N ARG A 137 -4.10 -18.44 -0.42
CA ARG A 137 -4.74 -19.51 -1.17
C ARG A 137 -3.76 -20.24 -2.09
N ILE A 138 -3.08 -19.50 -2.96
CA ILE A 138 -2.11 -20.07 -3.89
C ILE A 138 -0.92 -20.63 -3.13
N GLY A 139 -0.57 -20.02 -1.99
CA GLY A 139 0.54 -20.47 -1.18
C GLY A 139 1.73 -19.55 -1.27
N ARG A 140 2.29 -19.43 -2.46
CA ARG A 140 3.34 -18.47 -2.77
C ARG A 140 3.24 -18.13 -4.25
N PHE A 141 3.82 -17.01 -4.60
CA PHE A 141 3.87 -16.55 -5.98
C PHE A 141 5.21 -16.95 -6.59
N SER A 142 5.18 -17.36 -7.85
CA SER A 142 6.44 -17.54 -8.58
C SER A 142 7.23 -16.24 -8.61
N GLU A 143 8.53 -16.33 -8.87
CA GLU A 143 9.32 -15.11 -8.88
C GLU A 143 8.86 -14.15 -9.97
N PRO A 144 8.52 -14.58 -11.18
CA PRO A 144 7.96 -13.62 -12.14
C PRO A 144 6.69 -12.95 -11.65
N HIS A 145 5.83 -13.70 -10.97
CA HIS A 145 4.58 -13.18 -10.47
C HIS A 145 4.84 -12.17 -9.36
N ALA A 146 5.71 -12.55 -8.40
CA ALA A 146 6.11 -11.63 -7.34
C ALA A 146 6.78 -10.37 -7.91
N ARG A 147 7.62 -10.54 -8.93
CA ARG A 147 8.30 -9.41 -9.54
C ARG A 147 7.34 -8.42 -10.17
N PHE A 148 6.31 -8.92 -10.86
CA PHE A 148 5.31 -8.07 -11.50
C PHE A 148 4.66 -7.14 -10.47
N TYR A 149 4.26 -7.69 -9.31
CA TYR A 149 3.74 -6.88 -8.22
C TYR A 149 4.81 -5.96 -7.62
N ALA A 150 6.00 -6.50 -7.39
CA ALA A 150 7.05 -5.70 -6.79
C ALA A 150 7.38 -4.48 -7.62
N ALA A 151 7.45 -4.65 -8.95
CA ALA A 151 7.76 -3.55 -9.82
C ALA A 151 6.76 -2.41 -9.66
N GLN A 152 5.49 -2.77 -9.50
CA GLN A 152 4.48 -1.73 -9.28
C GLN A 152 4.72 -1.00 -7.96
N ILE A 153 5.12 -1.72 -6.91
CA ILE A 153 5.39 -1.05 -5.64
C ILE A 153 6.63 -0.17 -5.76
N VAL A 154 7.66 -0.64 -6.46
CA VAL A 154 8.86 0.17 -6.65
C VAL A 154 8.48 1.50 -7.30
N LEU A 155 7.71 1.45 -8.39
CA LEU A 155 7.34 2.68 -9.07
C LEU A 155 6.45 3.55 -8.20
N THR A 156 5.52 2.93 -7.45
CA THR A 156 4.64 3.70 -6.58
C THR A 156 5.41 4.40 -5.49
N PHE A 157 6.38 3.72 -4.88
CA PHE A 157 7.20 4.38 -3.86
C PHE A 157 8.10 5.45 -4.48
N GLU A 158 8.63 5.18 -5.68
CA GLU A 158 9.40 6.20 -6.38
C GLU A 158 8.58 7.49 -6.50
N TYR A 159 7.32 7.34 -6.95
CA TYR A 159 6.38 8.45 -7.03
C TYR A 159 6.12 9.06 -5.65
N LEU A 160 5.70 8.26 -4.68
CA LEU A 160 5.35 8.81 -3.38
C LEU A 160 6.53 9.51 -2.73
N HIS A 161 7.70 8.88 -2.76
CA HIS A 161 8.87 9.48 -2.12
C HIS A 161 9.27 10.79 -2.77
N SER A 162 9.04 10.93 -4.08
CA SER A 162 9.34 12.20 -4.73
C SER A 162 8.47 13.32 -4.20
N LEU A 163 7.30 12.99 -3.67
CA LEU A 163 6.40 13.95 -3.06
C LEU A 163 6.66 14.12 -1.57
N ASP A 164 7.76 13.54 -1.09
CA ASP A 164 8.13 13.50 0.33
C ASP A 164 7.10 12.75 1.17
N LEU A 165 6.32 11.86 0.57
CA LEU A 165 5.38 11.01 1.30
C LEU A 165 6.06 9.70 1.68
N ILE A 166 6.10 9.41 2.99
CA ILE A 166 6.46 8.08 3.50
C ILE A 166 5.17 7.29 3.67
N TYR A 167 5.17 6.03 3.23
CA TYR A 167 3.94 5.26 3.15
C TYR A 167 3.65 4.50 4.44
N ARG A 168 4.58 3.67 4.90
CA ARG A 168 4.58 3.07 6.24
C ARG A 168 3.50 2.02 6.49
N ASP A 169 2.70 1.63 5.49
CA ASP A 169 1.63 0.66 5.75
C ASP A 169 1.64 -0.48 4.73
N LEU A 170 2.81 -0.82 4.19
CA LEU A 170 2.90 -1.85 3.17
C LEU A 170 2.75 -3.25 3.79
N LYS A 171 1.87 -4.05 3.19
CA LYS A 171 1.69 -5.45 3.52
C LYS A 171 0.65 -6.02 2.55
N PRO A 172 0.60 -7.33 2.35
CA PRO A 172 -0.36 -7.89 1.38
C PRO A 172 -1.82 -7.59 1.70
N GLU A 173 -2.14 -7.44 2.99
CA GLU A 173 -3.49 -7.07 3.42
C GLU A 173 -3.92 -5.74 2.82
N ASN A 174 -2.97 -4.87 2.50
CA ASN A 174 -3.26 -3.51 2.10
C ASN A 174 -3.07 -3.29 0.61
N LEU A 175 -2.91 -4.35 -0.16
CA LEU A 175 -2.76 -4.26 -1.60
C LEU A 175 -3.92 -5.00 -2.25
N LEU A 176 -4.66 -4.30 -3.09
CA LEU A 176 -5.79 -4.89 -3.78
C LEU A 176 -5.38 -5.19 -5.22
N ILE A 177 -6.10 -6.13 -5.83
N ILE A 177 -6.07 -6.14 -5.82
CA ILE A 177 -5.85 -6.55 -7.19
CA ILE A 177 -5.83 -6.53 -7.20
C ILE A 177 -7.04 -6.13 -8.05
C ILE A 177 -7.03 -6.11 -8.03
N ASP A 178 -6.77 -5.40 -9.13
CA ASP A 178 -7.84 -4.87 -9.93
C ASP A 178 -8.18 -5.84 -11.05
N GLN A 179 -9.14 -5.46 -11.90
CA GLN A 179 -9.66 -6.40 -12.89
C GLN A 179 -8.63 -6.79 -13.93
N GLN A 180 -7.59 -5.98 -14.16
CA GLN A 180 -6.52 -6.34 -15.07
C GLN A 180 -5.37 -7.03 -14.37
N GLY A 181 -5.48 -7.30 -13.09
CA GLY A 181 -4.42 -7.97 -12.38
C GLY A 181 -3.36 -7.07 -11.80
N TYR A 182 -3.54 -5.74 -11.89
CA TYR A 182 -2.58 -4.79 -11.37
C TYR A 182 -2.96 -4.40 -9.95
N ILE A 183 -1.96 -3.87 -9.24
N ILE A 183 -1.99 -3.81 -9.25
CA ILE A 183 -2.11 -3.50 -7.84
CA ILE A 183 -2.10 -3.51 -7.83
C ILE A 183 -2.82 -2.16 -7.70
C ILE A 183 -2.67 -2.13 -7.60
N GLN A 184 -3.54 -2.04 -6.60
CA GLN A 184 -4.06 -0.77 -6.11
C GLN A 184 -3.71 -0.62 -4.63
N VAL A 185 -3.07 0.50 -4.31
CA VAL A 185 -2.76 0.91 -2.93
C VAL A 185 -3.86 1.85 -2.47
N THR A 186 -4.46 1.56 -1.29
CA THR A 186 -5.68 2.27 -0.85
C THR A 186 -5.55 3.06 0.46
N ASP A 187 -4.74 2.59 1.41
CA ASP A 187 -4.74 3.09 2.78
C ASP A 187 -3.62 4.10 2.97
N PHE A 188 -3.98 5.31 3.38
CA PHE A 188 -2.98 6.35 3.56
C PHE A 188 -3.06 7.02 4.92
N GLY A 189 -3.72 6.39 5.88
CA GLY A 189 -3.80 6.98 7.21
C GLY A 189 -2.46 7.10 7.92
N PHE A 190 -1.56 6.17 7.67
CA PHE A 190 -0.25 6.22 8.30
C PHE A 190 0.77 6.97 7.46
N ALA A 191 0.43 7.37 6.24
CA ALA A 191 1.38 8.09 5.40
C ALA A 191 1.62 9.48 5.99
N LYS A 192 2.83 10.00 5.77
CA LYS A 192 3.18 11.31 6.30
C LYS A 192 4.02 12.03 5.27
N ARG A 193 3.73 13.30 5.04
CA ARG A 193 4.55 14.09 4.14
C ARG A 193 5.62 14.76 5.00
N VAL A 194 6.85 14.25 4.92
CA VAL A 194 7.98 14.83 5.66
C VAL A 194 9.23 14.70 4.82
N LYS A 195 9.98 15.79 4.72
CA LYS A 195 11.22 15.77 3.93
C LYS A 195 12.32 14.99 4.64
N GLY A 196 12.33 15.00 5.95
CA GLY A 196 13.47 14.48 6.68
C GLY A 196 13.12 13.24 7.47
N ARG A 197 13.25 13.34 8.78
CA ARG A 197 12.98 12.22 9.66
C ARG A 197 11.65 12.41 10.37
N THR A 198 11.13 11.29 10.83
CA THR A 198 9.95 11.28 11.68
C THR A 198 10.13 10.17 12.70
N TRP A 199 9.26 10.14 13.72
CA TRP A 199 9.51 9.28 14.88
C TRP A 199 8.38 8.35 15.33
N TPO A 200 7.22 8.41 14.71
CA TPO A 200 6.07 7.64 15.20
CB TPO A 200 4.79 8.07 14.49
CG2 TPO A 200 3.58 7.37 15.13
OG1 TPO A 200 4.65 9.47 14.66
P TPO A 200 4.68 10.26 13.25
O1P TPO A 200 4.77 11.79 13.65
O2P TPO A 200 3.44 9.98 12.46
O3P TPO A 200 5.98 9.81 12.43
C TPO A 200 6.26 6.15 15.07
O TPO A 200 6.64 5.64 14.03
H TPO A 200 7.06 8.88 14.01
HA TPO A 200 5.95 7.84 16.16
HB TPO A 200 4.85 7.81 13.43
HG21 TPO A 200 2.66 7.67 14.62
HG22 TPO A 200 3.51 7.66 16.19
HG23 TPO A 200 3.69 6.29 15.06
N LEU A 201 5.96 5.44 16.15
CA LEU A 201 5.91 4.00 16.13
C LEU A 201 4.58 3.60 15.52
N CYS A 202 4.64 3.16 14.27
CA CYS A 202 3.43 2.73 13.59
C CYS A 202 3.80 1.72 12.52
N GLY A 203 2.84 0.88 12.20
CA GLY A 203 3.01 -0.13 11.20
C GLY A 203 2.58 -1.48 11.73
N THR A 204 2.98 -2.52 11.04
CA THR A 204 2.61 -3.87 11.37
C THR A 204 3.86 -4.65 11.73
N PRO A 205 3.85 -5.42 12.82
CA PRO A 205 5.12 -5.97 13.33
C PRO A 205 6.02 -6.62 12.28
N GLU A 206 5.50 -7.53 11.47
CA GLU A 206 6.31 -8.25 10.49
C GLU A 206 6.97 -7.34 9.47
N TYR A 207 6.43 -6.15 9.25
CA TYR A 207 6.89 -5.23 8.22
C TYR A 207 7.68 -4.05 8.78
N LEU A 208 7.89 -3.99 10.10
CA LEU A 208 8.59 -2.86 10.69
C LEU A 208 10.08 -2.92 10.42
N ALA A 209 10.65 -1.81 9.97
CA ALA A 209 12.09 -1.69 9.83
C ALA A 209 12.75 -1.65 11.21
N PRO A 210 13.99 -2.08 11.31
CA PRO A 210 14.65 -2.07 12.62
C PRO A 210 14.69 -0.70 13.25
N GLU A 211 14.92 0.37 12.47
CA GLU A 211 15.06 1.68 13.05
C GLU A 211 13.75 2.15 13.66
N ILE A 212 12.61 1.61 13.22
CA ILE A 212 11.35 1.90 13.89
C ILE A 212 11.28 1.19 15.24
N ILE A 213 11.51 -0.12 15.23
CA ILE A 213 11.55 -0.91 16.46
C ILE A 213 12.48 -0.29 17.50
N LEU A 214 13.61 0.23 17.05
CA LEU A 214 14.62 0.73 17.97
C LEU A 214 14.36 2.18 18.36
N SER A 215 13.17 2.69 18.07
CA SER A 215 12.75 4.01 18.54
C SER A 215 13.70 5.09 18.07
N LYS A 216 14.23 4.92 16.87
CA LYS A 216 15.06 5.95 16.26
C LYS A 216 14.18 6.85 15.39
N GLY A 217 14.70 8.05 15.12
CA GLY A 217 14.17 8.79 14.00
C GLY A 217 14.46 8.04 12.71
N TYR A 218 13.52 8.09 11.78
CA TYR A 218 13.69 7.33 10.55
C TYR A 218 13.14 8.12 9.37
N ASN A 219 13.40 7.58 8.17
CA ASN A 219 13.11 8.27 6.94
C ASN A 219 12.47 7.30 5.96
N LYS A 220 12.36 7.73 4.71
CA LYS A 220 11.65 6.91 3.72
C LYS A 220 12.30 5.55 3.47
N ALA A 221 13.52 5.30 3.95
CA ALA A 221 14.11 3.99 3.77
C ALA A 221 13.31 2.87 4.45
N VAL A 222 12.45 3.19 5.43
CA VAL A 222 11.61 2.15 6.03
C VAL A 222 10.67 1.54 5.00
N ASP A 223 10.28 2.32 3.98
CA ASP A 223 9.45 1.75 2.92
C ASP A 223 10.22 0.74 2.09
N TRP A 224 11.51 0.96 1.87
CA TRP A 224 12.28 0.01 1.07
C TRP A 224 12.56 -1.27 1.86
N TRP A 225 12.80 -1.14 3.18
CA TRP A 225 12.78 -2.33 4.03
C TRP A 225 11.49 -3.09 3.86
N ALA A 226 10.35 -2.40 3.96
CA ALA A 226 9.07 -3.10 3.88
C ALA A 226 8.88 -3.75 2.53
N LEU A 227 9.37 -3.13 1.45
CA LEU A 227 9.33 -3.79 0.15
C LEU A 227 10.07 -5.11 0.19
N GLY A 228 11.25 -5.14 0.84
CA GLY A 228 11.95 -6.40 0.99
C GLY A 228 11.13 -7.46 1.71
N VAL A 229 10.45 -7.06 2.79
CA VAL A 229 9.55 -7.98 3.49
C VAL A 229 8.48 -8.49 2.55
N LEU A 230 7.84 -7.57 1.79
CA LEU A 230 6.75 -7.96 0.90
C LEU A 230 7.23 -8.92 -0.18
N ILE A 231 8.37 -8.62 -0.83
CA ILE A 231 8.87 -9.50 -1.88
C ILE A 231 9.16 -10.88 -1.30
N TYR A 232 9.82 -10.90 -0.14
CA TYR A 232 10.08 -12.18 0.52
C TYR A 232 8.78 -12.95 0.75
N GLU A 233 7.77 -12.31 1.36
CA GLU A 233 6.54 -13.03 1.68
C GLU A 233 5.82 -13.49 0.41
N MET A 234 5.83 -12.67 -0.64
CA MET A 234 5.18 -13.07 -1.88
C MET A 234 5.84 -14.31 -2.47
N ALA A 235 7.18 -14.37 -2.42
CA ALA A 235 7.93 -15.44 -3.06
C ALA A 235 8.05 -16.69 -2.18
N ALA A 236 8.03 -16.54 -0.84
CA ALA A 236 8.11 -17.65 0.08
C ALA A 236 6.75 -18.17 0.54
N GLY A 237 5.76 -17.28 0.63
CA GLY A 237 4.49 -17.62 1.22
C GLY A 237 4.40 -17.30 2.70
N TYR A 238 5.50 -16.86 3.30
CA TYR A 238 5.55 -16.45 4.70
C TYR A 238 6.61 -15.36 4.79
N PRO A 239 6.52 -14.50 5.81
CA PRO A 239 7.43 -13.38 5.89
C PRO A 239 8.78 -13.79 6.45
N PRO A 240 9.77 -12.91 6.33
CA PRO A 240 11.13 -13.27 6.76
C PRO A 240 11.27 -13.36 8.26
N PHE A 241 10.46 -12.62 9.01
CA PHE A 241 10.58 -12.58 10.45
C PHE A 241 9.20 -12.81 11.05
N PHE A 242 9.05 -13.91 11.77
CA PHE A 242 7.77 -14.20 12.41
C PHE A 242 8.06 -15.00 13.68
N ALA A 243 7.06 -15.02 14.56
CA ALA A 243 7.15 -15.62 15.89
C ALA A 243 5.76 -15.54 16.50
N ASP A 244 5.59 -16.18 17.66
CA ASP A 244 4.30 -16.17 18.34
C ASP A 244 3.84 -14.77 18.69
N GLN A 245 4.79 -13.94 19.12
CA GLN A 245 4.47 -12.65 19.71
C GLN A 245 5.35 -11.59 19.10
N PRO A 246 4.82 -10.38 18.93
CA PRO A 246 5.61 -9.30 18.33
C PRO A 246 6.99 -9.07 18.93
N ILE A 247 7.18 -9.15 20.26
CA ILE A 247 8.50 -8.91 20.82
C ILE A 247 9.53 -9.85 20.22
N GLN A 248 9.15 -11.11 20.02
CA GLN A 248 10.07 -12.07 19.39
C GLN A 248 10.31 -11.73 17.92
N ILE A 249 9.31 -11.18 17.23
CA ILE A 249 9.49 -10.77 15.85
C ILE A 249 10.52 -9.64 15.79
N TYR A 250 10.38 -8.66 16.69
CA TYR A 250 11.31 -7.53 16.69
C TYR A 250 12.74 -7.99 16.93
N GLU A 251 12.93 -8.99 17.80
CA GLU A 251 14.27 -9.50 18.07
C GLU A 251 14.92 -10.01 16.78
N LYS A 252 14.16 -10.75 16.00
CA LYS A 252 14.64 -11.26 14.72
C LYS A 252 14.91 -10.12 13.74
N ILE A 253 14.00 -9.14 13.67
CA ILE A 253 14.17 -8.05 12.72
C ILE A 253 15.47 -7.30 13.00
N VAL A 254 15.73 -6.96 14.27
CA VAL A 254 16.94 -6.20 14.59
C VAL A 254 18.22 -7.03 14.50
N SER A 255 18.12 -8.38 14.52
CA SER A 255 19.30 -9.24 14.60
C SER A 255 20.24 -9.14 13.41
N GLY A 256 19.75 -8.73 12.24
CA GLY A 256 20.60 -8.69 11.06
C GLY A 256 20.74 -10.02 10.35
N LYS A 257 19.92 -11.01 10.71
CA LYS A 257 19.97 -12.35 10.13
C LYS A 257 18.64 -12.62 9.42
N VAL A 258 18.73 -13.12 8.22
CA VAL A 258 17.56 -13.57 7.47
C VAL A 258 17.96 -14.84 6.75
N ARG A 259 16.97 -15.74 6.61
CA ARG A 259 17.15 -17.03 5.96
C ARG A 259 16.15 -17.16 4.84
N PHE A 260 16.52 -17.91 3.81
CA PHE A 260 15.76 -17.98 2.58
C PHE A 260 15.38 -19.41 2.22
N PRO A 261 14.18 -19.63 1.68
CA PRO A 261 13.84 -20.92 1.06
C PRO A 261 14.87 -21.32 0.01
N SER A 262 15.10 -22.62 -0.11
CA SER A 262 16.08 -23.10 -1.09
C SER A 262 15.66 -22.81 -2.53
N HIS A 263 14.38 -22.53 -2.79
CA HIS A 263 13.95 -22.25 -4.15
C HIS A 263 14.13 -20.78 -4.55
N PHE A 264 14.49 -19.90 -3.62
CA PHE A 264 14.81 -18.53 -4.01
C PHE A 264 16.04 -18.51 -4.92
N SER A 265 15.93 -17.78 -6.02
CA SER A 265 17.08 -17.56 -6.89
C SER A 265 18.15 -16.73 -6.17
N SER A 266 19.38 -16.86 -6.65
CA SER A 266 20.48 -16.08 -6.12
C SER A 266 20.23 -14.60 -6.32
N ASP A 267 19.64 -14.21 -7.46
CA ASP A 267 19.34 -12.82 -7.70
C ASP A 267 18.37 -12.29 -6.66
N LEU A 268 17.36 -13.10 -6.34
CA LEU A 268 16.37 -12.67 -5.35
C LEU A 268 17.01 -12.53 -3.97
N LYS A 269 17.81 -13.51 -3.56
CA LYS A 269 18.45 -13.40 -2.26
C LYS A 269 19.35 -12.17 -2.21
N ASP A 270 20.07 -11.86 -3.28
CA ASP A 270 20.92 -10.68 -3.27
C ASP A 270 20.09 -9.41 -3.10
N LEU A 271 19.01 -9.29 -3.86
CA LEU A 271 18.13 -8.12 -3.70
C LEU A 271 17.64 -8.01 -2.27
N LEU A 272 17.15 -9.13 -1.72
CA LEU A 272 16.55 -9.09 -0.39
C LEU A 272 17.57 -8.77 0.67
N ARG A 273 18.80 -9.30 0.55
CA ARG A 273 19.84 -8.93 1.51
C ARG A 273 20.15 -7.43 1.49
N ASN A 274 19.97 -6.79 0.33
CA ASN A 274 20.22 -5.36 0.21
C ASN A 274 19.03 -4.51 0.61
N LEU A 275 17.80 -5.05 0.53
CA LEU A 275 16.64 -4.32 1.06
C LEU A 275 16.47 -4.55 2.54
N LEU A 276 16.65 -5.79 2.98
CA LEU A 276 16.53 -6.15 4.40
C LEU A 276 17.87 -5.96 5.11
N GLN A 277 18.43 -4.79 4.89
CA GLN A 277 19.73 -4.42 5.40
C GLN A 277 19.50 -3.54 6.65
N VAL A 278 19.91 -4.04 7.81
CA VAL A 278 19.69 -3.30 9.04
C VAL A 278 20.51 -2.01 9.06
N ASP A 279 21.67 -2.01 8.41
CA ASP A 279 22.56 -0.84 8.36
C ASP A 279 22.01 0.13 7.34
N LEU A 280 21.48 1.27 7.81
CA LEU A 280 20.91 2.25 6.89
C LEU A 280 21.93 2.76 5.88
N THR A 281 23.22 2.78 6.23
CA THR A 281 24.20 3.27 5.28
C THR A 281 24.42 2.30 4.11
N LYS A 282 23.80 1.13 4.15
CA LYS A 282 24.00 0.13 3.13
C LYS A 282 22.71 -0.32 2.46
N ARG A 283 21.55 0.20 2.89
CA ARG A 283 20.27 -0.31 2.40
C ARG A 283 19.94 0.28 1.05
N PHE A 284 19.60 -0.61 0.11
CA PHE A 284 19.14 -0.14 -1.20
C PHE A 284 17.91 0.74 -1.04
N GLY A 285 17.84 1.76 -1.88
CA GLY A 285 16.86 2.82 -1.75
C GLY A 285 17.28 3.95 -0.84
N ASN A 286 18.39 3.79 -0.10
CA ASN A 286 18.87 4.82 0.79
C ASN A 286 20.28 5.28 0.43
N LEU A 287 20.78 4.91 -0.73
CA LEU A 287 22.15 5.20 -1.12
C LEU A 287 22.15 6.37 -2.12
N LYS A 288 23.35 6.79 -2.51
CA LYS A 288 23.50 7.92 -3.44
C LYS A 288 22.67 7.71 -4.69
N ASN A 289 22.71 6.51 -5.23
CA ASN A 289 22.01 6.09 -6.45
C ASN A 289 20.50 5.92 -6.24
N GLY A 290 20.00 6.09 -5.02
CA GLY A 290 18.56 6.09 -4.79
C GLY A 290 17.87 4.84 -5.30
N VAL A 291 16.71 5.07 -5.93
N VAL A 291 16.69 5.03 -5.88
CA VAL A 291 15.85 3.98 -6.36
CA VAL A 291 15.89 3.88 -6.29
C VAL A 291 16.50 3.19 -7.49
C VAL A 291 16.56 3.13 -7.44
N ASN A 292 17.51 3.77 -8.14
CA ASN A 292 18.17 3.11 -9.25
C ASN A 292 18.88 1.84 -8.82
N ASP A 293 19.35 1.77 -7.57
CA ASP A 293 20.00 0.54 -7.13
C ASP A 293 19.00 -0.62 -7.16
N ILE A 294 17.73 -0.33 -6.91
CA ILE A 294 16.70 -1.36 -6.95
C ILE A 294 16.31 -1.66 -8.38
N LYS A 295 15.96 -0.61 -9.15
CA LYS A 295 15.44 -0.81 -10.49
C LYS A 295 16.47 -1.44 -11.41
N ASN A 296 17.75 -1.24 -11.13
CA ASN A 296 18.81 -1.76 -11.98
C ASN A 296 19.37 -3.07 -11.46
N HIS A 297 18.78 -3.61 -10.39
CA HIS A 297 19.23 -4.88 -9.85
C HIS A 297 18.95 -6.03 -10.82
N LYS A 298 19.83 -7.02 -10.79
CA LYS A 298 19.68 -8.18 -11.68
C LYS A 298 18.31 -8.83 -11.59
N TRP A 299 17.71 -8.88 -10.39
CA TRP A 299 16.43 -9.55 -10.27
C TRP A 299 15.37 -8.86 -11.11
N PHE A 300 15.53 -7.55 -11.37
CA PHE A 300 14.59 -6.80 -12.19
C PHE A 300 15.06 -6.63 -13.64
N ALA A 301 16.04 -7.42 -14.09
CA ALA A 301 16.63 -7.19 -15.40
C ALA A 301 15.61 -7.35 -16.52
N THR A 302 14.62 -8.21 -16.36
CA THR A 302 13.59 -8.43 -17.36
C THR A 302 12.42 -7.45 -17.23
N THR A 303 12.42 -6.56 -16.24
CA THR A 303 11.31 -5.66 -16.02
C THR A 303 11.41 -4.46 -16.97
N ASP A 304 10.36 -4.27 -17.76
CA ASP A 304 10.17 -3.08 -18.59
C ASP A 304 9.39 -2.09 -17.76
N TRP A 305 10.12 -1.18 -17.11
CA TRP A 305 9.48 -0.27 -16.16
C TRP A 305 8.41 0.58 -16.84
N ILE A 306 8.68 1.07 -18.06
CA ILE A 306 7.68 1.91 -18.72
C ILE A 306 6.45 1.08 -19.07
N ALA A 307 6.65 -0.16 -19.53
CA ALA A 307 5.53 -1.01 -19.86
C ALA A 307 4.69 -1.30 -18.62
N ILE A 308 5.33 -1.50 -17.46
CA ILE A 308 4.58 -1.67 -16.21
C ILE A 308 3.75 -0.41 -15.94
N TYR A 309 4.39 0.76 -15.99
CA TYR A 309 3.69 2.02 -15.74
C TYR A 309 2.51 2.20 -16.69
N GLN A 310 2.70 1.89 -17.97
CA GLN A 310 1.64 1.99 -18.98
C GLN A 310 0.61 0.87 -18.90
N ARG A 311 0.81 -0.11 -18.01
CA ARG A 311 -0.11 -1.24 -17.84
C ARG A 311 -0.24 -2.04 -19.13
N LYS A 312 0.86 -2.17 -19.87
CA LYS A 312 0.87 -2.95 -21.11
C LYS A 312 1.44 -4.34 -20.90
N VAL A 313 1.82 -4.68 -19.69
CA VAL A 313 2.33 -6.00 -19.39
C VAL A 313 1.16 -6.92 -19.05
N GLU A 314 1.15 -8.12 -19.61
CA GLU A 314 0.10 -9.07 -19.29
C GLU A 314 0.28 -9.57 -17.85
N ALA A 315 -0.73 -9.37 -17.02
CA ALA A 315 -0.62 -9.79 -15.64
C ALA A 315 -0.53 -11.32 -15.55
N PRO A 316 0.22 -11.84 -14.58
CA PRO A 316 0.28 -13.29 -14.41
C PRO A 316 -0.98 -13.89 -13.83
N PHE A 317 -1.86 -13.09 -13.25
CA PHE A 317 -3.04 -13.59 -12.57
C PHE A 317 -4.16 -12.58 -12.69
N ILE A 318 -5.31 -13.02 -13.19
CA ILE A 318 -6.49 -12.17 -13.30
C ILE A 318 -7.54 -12.72 -12.34
N PRO A 319 -7.94 -11.99 -11.30
CA PRO A 319 -8.95 -12.52 -10.40
C PRO A 319 -10.27 -12.75 -11.12
N LYS A 320 -11.03 -13.74 -10.62
CA LYS A 320 -12.35 -14.01 -11.14
C LYS A 320 -13.23 -12.77 -11.01
N PHE A 321 -13.94 -12.43 -12.09
CA PHE A 321 -14.85 -11.27 -12.06
C PHE A 321 -16.10 -11.66 -12.85
N LYS A 322 -17.16 -11.98 -12.12
CA LYS A 322 -18.47 -12.29 -12.73
C LYS A 322 -19.32 -11.03 -12.85
N GLY A 323 -18.73 -9.95 -13.37
CA GLY A 323 -19.48 -8.76 -13.69
C GLY A 323 -19.40 -7.70 -12.60
N PRO A 324 -19.78 -6.47 -12.93
CA PRO A 324 -19.68 -5.38 -11.95
C PRO A 324 -20.56 -5.66 -10.74
N GLY A 325 -20.14 -5.12 -9.60
CA GLY A 325 -20.82 -5.41 -8.36
C GLY A 325 -20.50 -6.75 -7.77
N ASP A 326 -19.71 -7.57 -8.44
CA ASP A 326 -19.35 -8.87 -7.91
C ASP A 326 -18.39 -8.71 -6.73
N THR A 327 -18.70 -9.35 -5.61
CA THR A 327 -17.94 -9.23 -4.37
C THR A 327 -17.33 -10.55 -3.93
N SER A 328 -17.21 -11.53 -4.83
CA SER A 328 -16.80 -12.87 -4.41
C SER A 328 -15.36 -12.92 -3.93
N ASN A 329 -14.55 -11.90 -4.20
CA ASN A 329 -13.18 -11.86 -3.74
C ASN A 329 -13.05 -11.20 -2.37
N PHE A 330 -14.17 -10.87 -1.74
CA PHE A 330 -14.20 -10.28 -0.40
C PHE A 330 -14.96 -11.17 0.56
N ASP A 331 -14.72 -10.95 1.85
CA ASP A 331 -15.37 -11.69 2.90
C ASP A 331 -16.79 -11.20 3.14
N ASP A 332 -17.52 -11.99 3.92
CA ASP A 332 -18.88 -11.66 4.33
C ASP A 332 -18.85 -11.08 5.73
N TYR A 333 -19.51 -9.95 5.91
CA TYR A 333 -19.53 -9.26 7.19
C TYR A 333 -20.96 -9.01 7.62
N GLU A 334 -21.16 -8.90 8.93
CA GLU A 334 -22.48 -8.55 9.45
C GLU A 334 -22.79 -7.11 9.07
N GLU A 335 -23.99 -6.90 8.56
CA GLU A 335 -24.36 -5.61 7.98
C GLU A 335 -25.05 -4.75 9.04
N GLU A 336 -24.43 -3.62 9.37
CA GLU A 336 -25.00 -2.67 10.30
C GLU A 336 -25.61 -1.49 9.54
N GLU A 337 -26.56 -0.82 10.19
CA GLU A 337 -27.20 0.35 9.62
C GLU A 337 -26.24 1.54 9.60
N ILE A 338 -26.56 2.51 8.75
CA ILE A 338 -25.78 3.73 8.66
C ILE A 338 -26.62 4.86 9.23
N ARG A 339 -26.43 5.14 10.53
CA ARG A 339 -27.25 6.11 11.23
C ARG A 339 -26.72 7.53 10.99
N VAL A 340 -27.61 8.44 10.60
CA VAL A 340 -27.25 9.84 10.45
C VAL A 340 -28.10 10.65 11.42
N SEP A 341 -27.46 11.29 12.39
CA SEP A 341 -28.14 12.06 13.42
CB SEP A 341 -27.15 12.40 14.54
OG SEP A 341 -27.69 13.30 15.48
C SEP A 341 -28.76 13.34 12.87
O SEP A 341 -28.33 13.86 11.85
P SEP A 341 -28.37 12.52 16.71
O1P SEP A 341 -28.41 13.53 17.96
O2P SEP A 341 -29.86 12.07 16.29
O3P SEP A 341 -27.52 11.23 17.18
H SEP A 341 -26.60 11.28 12.48
HA SEP A 341 -28.86 11.51 13.81
HB2 SEP A 341 -26.37 12.81 14.14
HB3 SEP A 341 -26.90 11.59 15.00
N ILE A 342 -29.80 13.85 13.55
CA ILE A 342 -30.37 15.14 13.19
C ILE A 342 -29.45 16.26 13.69
N ASN A 343 -28.42 15.92 14.46
CA ASN A 343 -27.52 16.88 15.10
C ASN A 343 -26.09 16.65 14.65
N GLU A 344 -25.49 17.66 14.04
CA GLU A 344 -24.10 17.59 13.61
C GLU A 344 -23.18 17.25 14.78
N LYS A 345 -22.29 16.29 14.57
CA LYS A 345 -21.33 15.86 15.57
C LYS A 345 -19.92 16.20 15.09
N CYS A 346 -19.11 16.76 15.98
CA CYS A 346 -17.69 17.02 15.74
C CYS A 346 -17.46 17.89 14.50
N GLY A 347 -18.28 18.92 14.36
CA GLY A 347 -18.18 19.84 13.24
C GLY A 347 -16.83 20.52 13.05
N LYS A 348 -16.35 21.23 14.08
CA LYS A 348 -15.11 21.98 13.96
C LYS A 348 -13.94 21.07 13.59
N GLU A 349 -13.86 19.92 14.25
CA GLU A 349 -12.77 18.98 14.00
C GLU A 349 -12.58 18.71 12.51
N PHE A 350 -13.68 18.56 11.77
CA PHE A 350 -13.62 18.03 10.41
C PHE A 350 -13.99 19.07 9.36
N THR A 351 -13.88 20.35 9.71
CA THR A 351 -14.03 21.43 8.74
C THR A 351 -13.31 21.18 7.43
N GLU A 352 -12.05 20.72 7.50
CA GLU A 352 -11.24 20.57 6.30
C GLU A 352 -11.67 19.39 5.44
N PHE A 353 -12.50 18.50 5.95
CA PHE A 353 -12.84 17.30 5.19
C PHE A 353 -13.80 17.65 4.05
N THR B 1 9.97 -27.57 9.98
CA THR B 1 10.31 -26.76 8.81
C THR B 1 9.89 -25.32 9.02
N THR B 2 10.39 -24.43 8.17
CA THR B 2 10.03 -23.02 8.32
C THR B 2 8.53 -22.82 8.13
N TYR B 3 7.97 -23.48 7.12
CA TYR B 3 6.53 -23.40 6.91
C TYR B 3 5.76 -23.84 8.14
N ALA B 4 6.14 -24.99 8.72
CA ALA B 4 5.46 -25.47 9.93
C ALA B 4 5.58 -24.44 11.04
N ASP B 5 6.76 -23.83 11.18
CA ASP B 5 6.96 -22.81 12.20
C ASP B 5 6.02 -21.63 11.94
N PHE B 6 5.78 -21.31 10.67
CA PHE B 6 4.88 -20.22 10.34
C PHE B 6 3.45 -20.56 10.76
N ILE B 7 3.01 -21.77 10.43
CA ILE B 7 1.68 -22.20 10.86
C ILE B 7 1.57 -22.16 12.38
N ALA B 8 2.63 -22.56 13.07
CA ALA B 8 2.61 -22.65 14.52
C ALA B 8 2.63 -21.29 15.21
N SER B 9 3.09 -20.25 14.50
CA SER B 9 3.17 -18.91 15.06
C SER B 9 1.81 -18.31 15.39
N GLY B 10 0.75 -18.82 14.78
CA GLY B 10 -0.56 -18.24 14.98
C GLY B 10 -0.76 -16.94 14.23
N ARG B 11 0.18 -16.57 13.38
CA ARG B 11 0.12 -15.28 12.69
C ARG B 11 0.00 -15.47 11.18
N THR B 12 -0.81 -16.45 10.76
CA THR B 12 -1.07 -16.67 9.35
C THR B 12 -2.25 -15.85 8.82
N GLY B 13 -3.08 -15.30 9.70
CA GLY B 13 -4.21 -14.50 9.29
C GLY B 13 -3.85 -13.05 9.08
N ARG B 14 -4.87 -12.25 8.76
CA ARG B 14 -4.63 -10.84 8.53
C ARG B 14 -4.12 -10.22 9.81
N ARG B 15 -3.06 -9.42 9.65
CA ARG B 15 -2.28 -8.89 10.76
C ARG B 15 -2.68 -7.43 11.00
N ASN B 16 -2.94 -7.10 12.26
CA ASN B 16 -3.28 -5.73 12.59
C ASN B 16 -2.03 -4.86 12.72
N ALA B 17 -2.22 -3.58 12.42
CA ALA B 17 -1.22 -2.59 12.77
C ALA B 17 -1.13 -2.43 14.29
N ILE B 18 0.00 -1.87 14.73
CA ILE B 18 0.29 -1.72 16.15
C ILE B 18 -0.80 -0.92 16.86
N HIS B 19 -1.36 0.08 16.19
CA HIS B 19 -2.30 0.94 16.91
C HIS B 19 -3.63 0.26 17.21
N ASP B 20 -3.88 -0.92 16.64
CA ASP B 20 -5.16 -1.61 16.84
C ASP B 20 -5.14 -2.56 18.04
C1 IQP C . -11.04 -1.31 0.54
C2 IQP C . -10.48 -0.14 1.00
C3 IQP C . -10.34 0.94 0.15
C4 IQP C . -10.75 0.87 -1.14
C5 IQP C . -11.34 -0.31 -1.66
C6 IQP C . -11.76 -0.45 -3.01
N7 IQP C . -12.31 -1.56 -3.50
C8 IQP C . -12.50 -2.59 -2.66
C9 IQP C . -12.13 -2.58 -1.35
C10 IQP C . -11.50 -1.43 -0.81
S IQP C . -11.10 -2.66 1.67
O1 IQP C . -10.87 -3.86 0.93
O2 IQP C . -12.27 -2.53 2.47
N1' IQP C . -9.80 -2.45 2.64
C2' IQP C . -9.97 -2.11 4.09
CM2 IQP C . -9.96 -3.37 4.94
C3' IQP C . -8.89 -1.13 4.49
N4' IQP C . -7.58 -1.71 4.19
C5' IQP C . -7.41 -1.93 2.74
C6' IQP C . -8.45 -2.91 2.23
C MOH D . 2.20 5.63 18.50
O MOH D . 1.71 6.87 18.06
C MOH E . 8.08 -7.39 -14.20
O MOH E . 7.18 -8.03 -15.09
C MOH F . 14.78 6.07 -11.79
O MOH F . 14.83 5.20 -12.91
C1 MPD G . 7.34 4.82 -14.64
C2 MPD G . 7.63 6.31 -14.61
O2 MPD G . 9.08 6.45 -14.77
CM MPD G . 6.90 7.00 -15.77
C3 MPD G . 7.23 6.90 -13.25
C4 MPD G . 7.96 6.24 -12.07
O4 MPD G . 9.31 6.66 -12.00
C5 MPD G . 7.32 6.53 -10.71
#